data_2VDV
#
_entry.id   2VDV
#
_cell.length_a   128.318
_cell.length_b   58.686
_cell.length_c   94.760
_cell.angle_alpha   90.00
_cell.angle_beta   130.13
_cell.angle_gamma   90.00
#
_symmetry.space_group_name_H-M   'C 1 2 1'
#
loop_
_entity.id
_entity.type
_entity.pdbx_description
1 polymer 'TRNA (GUANINE-N(7)-)-METHYLTRANSFERASE'
2 non-polymer S-ADENOSYLMETHIONINE
3 water water
#
_entity_poly.entity_id   1
_entity_poly.type   'polypeptide(L)'
_entity_poly.pdbx_seq_one_letter_code
;LPKKRYYRQRAHSNPFSDHQLEYPVSPQDMDWSKLYPYYKNAENGQMTKKVTIADIGCGFGGLMIDLSPAFPEDLILGME
IRVQVTNYVEDRIIALRNNTASKHGFQNINVLRGNAMKFLPNFFEKGQLSKMFFCFPDPHFKQRKHKARIITNTLLSEYA
YVLKEGGVVYTITDVKDLHEWMVKHLEEHPLFERLSKEWEENDECVKIMRNATEEGKKVERKKGDKFVACFTRLPTPAIL
HHHHHH
;
_entity_poly.pdbx_strand_id   E,F
#
loop_
_chem_comp.id
_chem_comp.type
_chem_comp.name
_chem_comp.formula
SAM non-polymer S-ADENOSYLMETHIONINE 'C15 H22 N6 O5 S'
#
# COMPACT_ATOMS: atom_id res chain seq x y z
N ASN A 14 18.51 7.08 -8.43
CA ASN A 14 19.67 6.38 -7.91
C ASN A 14 19.32 5.29 -6.90
N PRO A 15 18.87 5.70 -5.68
CA PRO A 15 18.70 4.74 -4.59
C PRO A 15 17.63 3.69 -4.87
N PHE A 16 16.78 3.94 -5.85
CA PHE A 16 15.68 3.04 -6.14
C PHE A 16 15.88 2.24 -7.41
N SER A 17 17.07 2.33 -7.98
CA SER A 17 17.39 1.63 -9.24
C SER A 17 17.09 0.14 -9.17
N ASP A 18 17.37 -0.47 -8.02
CA ASP A 18 17.09 -1.90 -7.84
C ASP A 18 15.60 -2.22 -7.92
N HIS A 19 14.75 -1.20 -7.88
CA HIS A 19 13.30 -1.43 -7.82
C HIS A 19 12.54 -0.85 -9.00
N GLN A 20 13.27 -0.20 -9.88
CA GLN A 20 12.70 0.28 -11.13
C GLN A 20 13.34 -0.52 -12.27
N LEU A 21 12.66 -1.59 -12.68
CA LEU A 21 13.30 -2.67 -13.40
C LEU A 21 12.77 -2.89 -14.82
N GLU A 22 13.71 -2.98 -15.76
CA GLU A 22 13.37 -3.31 -17.13
C GLU A 22 12.89 -4.74 -17.26
N TYR A 23 13.49 -5.62 -16.47
CA TYR A 23 13.20 -7.04 -16.58
C TYR A 23 12.88 -7.65 -15.23
N PRO A 24 11.76 -7.23 -14.62
CA PRO A 24 11.31 -7.82 -13.36
C PRO A 24 11.05 -9.30 -13.56
N VAL A 25 11.39 -10.12 -12.58
CA VAL A 25 11.24 -11.57 -12.71
C VAL A 25 9.83 -12.07 -12.35
N SER A 26 9.54 -13.31 -12.74
CA SER A 26 8.28 -13.98 -12.39
C SER A 26 8.61 -15.23 -11.57
N PRO A 27 7.64 -15.69 -10.76
CA PRO A 27 7.88 -16.87 -9.91
C PRO A 27 8.04 -18.13 -10.75
N GLN A 28 8.63 -19.16 -10.16
CA GLN A 28 8.69 -20.45 -10.83
C GLN A 28 7.35 -21.17 -10.67
N ASP A 29 7.13 -22.18 -11.51
CA ASP A 29 5.91 -22.98 -11.52
C ASP A 29 5.63 -23.57 -10.12
N MET A 30 4.41 -23.40 -9.63
CA MET A 30 4.04 -23.86 -8.30
C MET A 30 2.61 -24.39 -8.28
N ASP A 31 2.44 -25.61 -7.80
CA ASP A 31 1.10 -26.19 -7.67
C ASP A 31 0.51 -25.87 -6.31
N TRP A 32 0.02 -24.64 -6.16
CA TRP A 32 -0.52 -24.20 -4.87
C TRP A 32 -1.80 -24.95 -4.52
N SER A 33 -2.39 -25.62 -5.51
CA SER A 33 -3.64 -26.35 -5.29
C SER A 33 -3.44 -27.54 -4.35
N LYS A 34 -2.24 -28.09 -4.33
CA LYS A 34 -1.95 -29.19 -3.43
C LYS A 34 -1.84 -28.74 -1.98
N LEU A 35 -1.51 -27.47 -1.77
CA LEU A 35 -1.41 -26.92 -0.42
C LEU A 35 -2.75 -26.36 0.05
N TYR A 36 -3.54 -25.83 -0.88
CA TYR A 36 -4.83 -25.26 -0.53
C TYR A 36 -5.95 -25.78 -1.42
N PRO A 37 -6.15 -27.11 -1.43
CA PRO A 37 -7.08 -27.74 -2.38
C PRO A 37 -8.50 -27.21 -2.23
N TYR A 38 -8.80 -26.64 -1.06
CA TYR A 38 -10.12 -26.12 -0.78
C TYR A 38 -10.47 -24.88 -1.59
N TYR A 39 -9.48 -24.35 -2.30
CA TYR A 39 -9.69 -23.16 -3.11
C TYR A 39 -9.44 -23.49 -4.56
N LYS A 40 -9.39 -24.79 -4.84
CA LYS A 40 -9.39 -25.30 -6.20
C LYS A 40 -10.80 -25.17 -6.78
N ASN A 41 -11.00 -24.21 -7.66
CA ASN A 41 -12.15 -24.26 -8.54
C ASN A 41 -11.77 -25.19 -9.68
N GLN A 46 -8.98 -24.25 -11.49
CA GLN A 46 -8.24 -23.02 -11.19
C GLN A 46 -8.08 -22.76 -9.69
N MET A 47 -7.22 -21.81 -9.36
CA MET A 47 -7.00 -21.41 -7.98
C MET A 47 -7.80 -20.13 -7.68
N THR A 48 -8.47 -20.12 -6.54
CA THR A 48 -9.42 -19.07 -6.18
C THR A 48 -8.78 -17.90 -5.43
N LYS A 49 -7.68 -18.17 -4.74
CA LYS A 49 -6.95 -17.15 -4.02
C LYS A 49 -5.45 -17.34 -4.20
N LYS A 50 -4.68 -16.39 -3.69
CA LYS A 50 -3.24 -16.47 -3.70
C LYS A 50 -2.77 -16.38 -2.27
N VAL A 51 -1.54 -16.82 -2.00
CA VAL A 51 -0.95 -16.64 -0.68
C VAL A 51 -0.69 -15.15 -0.44
N THR A 52 -1.18 -14.62 0.67
CA THR A 52 -1.01 -13.20 0.97
C THR A 52 -0.30 -12.96 2.29
N ILE A 53 -0.20 -14.00 3.12
CA ILE A 53 0.46 -13.86 4.40
C ILE A 53 1.56 -14.92 4.51
N ALA A 54 2.77 -14.48 4.81
CA ALA A 54 3.91 -15.40 4.87
C ALA A 54 4.58 -15.38 6.23
N ASP A 55 4.74 -16.55 6.81
CA ASP A 55 5.44 -16.71 8.07
C ASP A 55 6.82 -17.30 7.77
N ILE A 56 7.83 -16.45 7.81
CA ILE A 56 9.18 -16.82 7.40
C ILE A 56 9.94 -17.44 8.56
N GLY A 57 10.33 -18.71 8.39
CA GLY A 57 10.95 -19.48 9.46
C GLY A 57 9.93 -19.81 10.53
N CYS A 58 8.84 -20.45 10.13
CA CYS A 58 7.65 -20.60 10.99
C CYS A 58 7.81 -21.60 12.15
N GLY A 59 8.86 -22.41 12.13
CA GLY A 59 9.02 -23.44 13.15
C GLY A 59 7.81 -24.36 13.16
N PHE A 60 7.25 -24.58 14.33
CA PHE A 60 6.17 -25.57 14.47
C PHE A 60 4.77 -25.08 14.07
N GLY A 61 4.67 -23.83 13.62
CA GLY A 61 3.45 -23.36 12.98
C GLY A 61 2.47 -22.61 13.85
N GLY A 62 2.82 -22.44 15.12
CA GLY A 62 1.95 -21.78 16.08
C GLY A 62 1.33 -20.47 15.58
N LEU A 63 2.14 -19.63 14.95
CA LEU A 63 1.66 -18.33 14.48
C LEU A 63 0.58 -18.52 13.43
N MET A 64 0.86 -19.35 12.43
CA MET A 64 -0.14 -19.69 11.41
C MET A 64 -1.45 -20.17 12.03
N ILE A 65 -1.36 -21.04 13.03
CA ILE A 65 -2.55 -21.62 13.64
C ILE A 65 -3.44 -20.50 14.17
N ASP A 66 -2.82 -19.54 14.84
CA ASP A 66 -3.57 -18.44 15.45
C ASP A 66 -4.06 -17.44 14.42
N LEU A 67 -3.26 -17.17 13.39
CA LEU A 67 -3.66 -16.23 12.36
C LEU A 67 -4.81 -16.80 11.54
N SER A 68 -4.84 -18.12 11.43
CA SER A 68 -5.81 -18.77 10.56
C SER A 68 -7.26 -18.25 10.72
N PRO A 69 -7.80 -18.29 11.94
CA PRO A 69 -9.16 -17.77 12.19
C PRO A 69 -9.25 -16.25 12.15
N ALA A 70 -8.17 -15.58 12.55
CA ALA A 70 -8.16 -14.12 12.53
C ALA A 70 -8.28 -13.58 11.10
N PHE A 71 -7.73 -14.31 10.14
CA PHE A 71 -7.75 -13.87 8.75
C PHE A 71 -8.31 -14.96 7.84
N PRO A 72 -9.61 -15.24 7.99
CA PRO A 72 -10.26 -16.39 7.35
C PRO A 72 -10.32 -16.25 5.84
N GLU A 73 -10.13 -15.04 5.32
CA GLU A 73 -10.16 -14.79 3.88
C GLU A 73 -8.76 -14.80 3.23
N ASP A 74 -7.72 -14.84 4.06
CA ASP A 74 -6.35 -14.82 3.56
C ASP A 74 -5.72 -16.20 3.60
N LEU A 75 -5.02 -16.55 2.52
CA LEU A 75 -4.21 -17.74 2.52
C LEU A 75 -2.89 -17.39 3.20
N ILE A 76 -2.46 -18.28 4.10
CA ILE A 76 -1.30 -18.07 4.95
C ILE A 76 -0.30 -19.21 4.72
N LEU A 77 0.96 -18.86 4.50
CA LEU A 77 2.00 -19.86 4.25
C LEU A 77 3.18 -19.73 5.20
N GLY A 78 3.47 -20.80 5.92
CA GLY A 78 4.70 -20.88 6.71
C GLY A 78 5.81 -21.47 5.87
N MET A 79 7.01 -20.88 5.97
CA MET A 79 8.17 -21.43 5.28
C MET A 79 9.19 -21.80 6.31
N GLU A 80 9.71 -23.02 6.21
CA GLU A 80 10.57 -23.61 7.23
C GLU A 80 11.67 -24.34 6.50
N ILE A 81 12.92 -24.12 6.92
CA ILE A 81 14.06 -24.72 6.23
C ILE A 81 14.37 -26.16 6.66
N ARG A 82 13.93 -26.55 7.86
CA ARG A 82 14.16 -27.91 8.35
C ARG A 82 13.05 -28.85 7.93
N VAL A 83 13.39 -29.90 7.19
CA VAL A 83 12.38 -30.83 6.69
C VAL A 83 11.67 -31.62 7.81
N GLN A 84 12.38 -31.90 8.90
CA GLN A 84 11.77 -32.63 10.01
C GLN A 84 10.59 -31.81 10.55
N VAL A 85 10.86 -30.53 10.78
CA VAL A 85 9.86 -29.64 11.33
C VAL A 85 8.67 -29.45 10.38
N THR A 86 8.94 -29.29 9.08
CA THR A 86 7.87 -29.08 8.10
C THR A 86 7.03 -30.34 7.88
N ASN A 87 7.68 -31.51 7.90
CA ASN A 87 6.95 -32.78 7.87
C ASN A 87 6.01 -32.92 9.06
N TYR A 88 6.47 -32.44 10.20
CA TYR A 88 5.66 -32.49 11.40
C TYR A 88 4.48 -31.52 11.27
N VAL A 89 4.78 -30.28 10.89
CA VAL A 89 3.76 -29.25 10.77
C VAL A 89 2.67 -29.64 9.78
N GLU A 90 3.03 -30.37 8.73
CA GLU A 90 2.05 -30.84 7.76
C GLU A 90 1.04 -31.78 8.40
N ASP A 91 1.52 -32.68 9.26
CA ASP A 91 0.64 -33.63 9.91
C ASP A 91 -0.24 -32.91 10.89
N ARG A 92 0.32 -31.85 11.47
CA ARG A 92 -0.40 -31.03 12.43
C ARG A 92 -1.60 -30.31 11.79
N ILE A 93 -1.39 -29.62 10.67
CA ILE A 93 -2.52 -28.91 10.07
C ILE A 93 -3.52 -29.87 9.43
N ILE A 94 -3.06 -31.05 9.03
CA ILE A 94 -4.00 -32.05 8.53
C ILE A 94 -4.90 -32.51 9.67
N ALA A 95 -4.33 -32.61 10.87
CA ALA A 95 -5.11 -32.95 12.05
C ALA A 95 -6.14 -31.85 12.35
N LEU A 96 -5.68 -30.59 12.29
CA LEU A 96 -6.53 -29.44 12.56
C LEU A 96 -7.70 -29.34 11.59
N ARG A 97 -7.44 -29.60 10.31
CA ARG A 97 -8.49 -29.64 9.32
C ARG A 97 -9.49 -30.75 9.65
N ASN A 98 -9.00 -31.96 9.81
CA ASN A 98 -9.85 -33.11 10.14
C ASN A 98 -10.73 -32.93 11.38
N ASN A 99 -10.14 -32.48 12.47
CA ASN A 99 -10.87 -32.32 13.71
C ASN A 99 -11.79 -31.10 13.66
N THR A 100 -12.03 -30.59 12.45
CA THR A 100 -12.73 -29.33 12.29
C THR A 100 -13.74 -29.30 11.16
N SER A 102 -15.71 -26.83 11.21
CA SER A 102 -16.54 -26.50 10.08
C SER A 102 -15.87 -27.05 8.83
N LYS A 103 -16.28 -26.55 7.67
CA LYS A 103 -15.72 -27.05 6.41
C LYS A 103 -14.60 -26.16 5.88
N HIS A 104 -14.31 -25.07 6.58
CA HIS A 104 -13.27 -24.14 6.14
C HIS A 104 -12.13 -24.06 7.15
N GLY A 105 -12.30 -24.73 8.30
CA GLY A 105 -11.28 -24.71 9.35
C GLY A 105 -9.89 -25.08 8.88
N PHE A 106 -8.94 -24.19 9.16
CA PHE A 106 -7.51 -24.38 8.88
C PHE A 106 -7.22 -24.85 7.46
N GLN A 107 -8.15 -24.50 6.57
CA GLN A 107 -8.06 -24.86 5.18
C GLN A 107 -7.25 -23.79 4.49
N ASN A 108 -6.99 -22.71 5.22
CA ASN A 108 -6.31 -21.53 4.69
C ASN A 108 -4.89 -21.39 5.22
N ILE A 109 -4.36 -22.46 5.81
CA ILE A 109 -2.95 -22.46 6.21
C ILE A 109 -2.26 -23.69 5.67
N ASN A 110 -0.99 -23.54 5.34
CA ASN A 110 -0.16 -24.70 5.12
C ASN A 110 1.30 -24.31 5.25
N VAL A 111 2.19 -25.29 5.14
CA VAL A 111 3.61 -25.07 5.33
C VAL A 111 4.40 -25.48 4.10
N LEU A 112 5.57 -24.88 3.92
CA LEU A 112 6.40 -25.20 2.77
C LEU A 112 7.88 -25.28 3.20
N ARG A 113 8.57 -26.33 2.74
CA ARG A 113 9.97 -26.48 3.07
C ARG A 113 10.76 -25.60 2.12
N GLY A 114 11.40 -24.57 2.65
CA GLY A 114 12.15 -23.64 1.84
C GLY A 114 13.05 -22.72 2.63
N ASN A 115 14.05 -22.19 1.94
CA ASN A 115 15.00 -21.25 2.52
C ASN A 115 14.63 -19.86 2.02
N ALA A 116 14.13 -19.02 2.94
CA ALA A 116 13.61 -17.71 2.56
C ALA A 116 14.72 -16.80 2.02
N MET A 117 15.97 -17.16 2.28
CA MET A 117 17.07 -16.34 1.80
C MET A 117 17.51 -16.71 0.39
N LYS A 118 16.90 -17.76 -0.16
CA LYS A 118 17.16 -18.19 -1.52
C LYS A 118 16.18 -17.59 -2.53
N PHE A 119 16.14 -16.26 -2.59
CA PHE A 119 15.41 -15.57 -3.65
C PHE A 119 13.88 -15.79 -3.60
N LEU A 120 13.23 -15.07 -2.69
CA LEU A 120 11.77 -15.19 -2.56
C LEU A 120 10.98 -14.96 -3.85
N PRO A 121 11.49 -14.12 -4.76
CA PRO A 121 10.73 -13.96 -6.02
C PRO A 121 10.56 -15.25 -6.84
N ASN A 122 11.28 -16.31 -6.51
CA ASN A 122 11.01 -17.60 -7.12
C ASN A 122 9.64 -18.13 -6.66
N PHE A 123 9.22 -17.72 -5.48
CA PHE A 123 8.01 -18.23 -4.85
C PHE A 123 6.77 -17.36 -5.11
N PHE A 124 6.92 -16.05 -5.00
CA PHE A 124 5.77 -15.15 -5.06
C PHE A 124 5.89 -14.11 -6.17
N GLU A 125 4.75 -13.79 -6.79
CA GLU A 125 4.66 -12.69 -7.73
C GLU A 125 4.99 -11.35 -7.06
N LYS A 126 5.34 -10.37 -7.87
CA LYS A 126 5.56 -9.02 -7.39
C LYS A 126 4.32 -8.50 -6.66
N GLY A 127 4.52 -7.94 -5.46
CA GLY A 127 3.42 -7.36 -4.69
C GLY A 127 2.35 -8.32 -4.23
N GLN A 128 2.67 -9.61 -4.25
CA GLN A 128 1.66 -10.61 -3.92
C GLN A 128 1.23 -10.56 -2.45
N LEU A 129 2.20 -10.28 -1.58
CA LEU A 129 2.01 -10.41 -0.14
C LEU A 129 1.59 -9.12 0.55
N SER A 130 0.73 -9.24 1.56
CA SER A 130 0.33 -8.08 2.36
C SER A 130 1.06 -8.09 3.71
N LYS A 131 1.51 -9.25 4.13
CA LYS A 131 2.20 -9.40 5.41
C LYS A 131 3.37 -10.37 5.32
N MET A 132 4.44 -10.04 6.03
CA MET A 132 5.56 -10.97 6.21
C MET A 132 5.95 -10.98 7.66
N PHE A 133 5.95 -12.16 8.27
CA PHE A 133 6.32 -12.31 9.68
C PHE A 133 7.68 -12.96 9.88
N PHE A 134 8.48 -12.36 10.76
CA PHE A 134 9.76 -12.91 11.17
C PHE A 134 9.73 -13.03 12.68
N CYS A 135 9.16 -14.13 13.15
CA CYS A 135 8.90 -14.34 14.56
C CYS A 135 10.00 -15.13 15.22
N PHE A 136 10.80 -14.46 16.04
CA PHE A 136 11.93 -15.09 16.73
C PHE A 136 12.85 -15.80 15.76
N PRO A 137 13.47 -15.04 14.84
CA PRO A 137 14.45 -15.58 13.90
C PRO A 137 15.74 -15.93 14.64
N ASP A 138 16.47 -16.94 14.16
CA ASP A 138 17.72 -17.32 14.81
C ASP A 138 18.81 -16.27 14.63
N PRO A 139 19.40 -15.84 15.75
CA PRO A 139 20.42 -14.79 15.80
C PRO A 139 21.83 -15.39 15.77
N HIS A 146 26.26 -17.38 6.64
CA HIS A 146 25.53 -17.17 5.40
C HIS A 146 25.91 -18.18 4.33
N LYS A 147 25.35 -19.38 4.47
CA LYS A 147 25.68 -20.48 3.58
C LYS A 147 25.32 -20.17 2.13
N ALA A 148 24.03 -20.05 1.85
CA ALA A 148 23.56 -19.88 0.47
C ALA A 148 23.94 -18.51 -0.08
N ARG A 149 23.82 -17.48 0.74
CA ARG A 149 24.19 -16.14 0.35
C ARG A 149 24.33 -15.23 1.56
N ILE A 150 25.13 -14.18 1.40
CA ILE A 150 25.31 -13.21 2.46
C ILE A 150 24.04 -12.41 2.64
N ILE A 151 23.74 -12.03 3.88
CA ILE A 151 22.60 -11.19 4.16
C ILE A 151 22.96 -9.73 3.86
N THR A 152 22.09 -9.07 3.09
CA THR A 152 22.35 -7.72 2.60
C THR A 152 21.04 -6.96 2.35
N ASN A 153 21.14 -5.67 2.03
CA ASN A 153 19.99 -4.91 1.56
C ASN A 153 19.30 -5.62 0.42
N THR A 154 20.09 -6.32 -0.40
CA THR A 154 19.56 -7.09 -1.52
C THR A 154 18.49 -8.06 -1.06
N LEU A 155 18.68 -8.64 0.12
CA LEU A 155 17.71 -9.59 0.65
C LEU A 155 16.43 -8.83 0.96
N LEU A 156 16.56 -7.68 1.60
CA LEU A 156 15.43 -6.84 1.94
C LEU A 156 14.74 -6.34 0.69
N SER A 157 15.50 -6.17 -0.39
CA SER A 157 14.95 -5.78 -1.68
C SER A 157 14.13 -6.91 -2.30
N GLU A 158 14.57 -8.15 -2.08
CA GLU A 158 13.77 -9.28 -2.52
C GLU A 158 12.46 -9.37 -1.70
N TYR A 159 12.53 -9.03 -0.42
CA TYR A 159 11.34 -8.99 0.42
C TYR A 159 10.38 -7.90 -0.09
N ALA A 160 10.92 -6.72 -0.37
CA ALA A 160 10.14 -5.60 -0.87
C ALA A 160 9.46 -5.96 -2.18
N TYR A 161 10.16 -6.72 -3.02
CA TYR A 161 9.63 -7.12 -4.33
C TYR A 161 8.36 -7.95 -4.20
N VAL A 162 8.35 -8.90 -3.27
CA VAL A 162 7.19 -9.76 -3.11
C VAL A 162 6.10 -9.14 -2.23
N LEU A 163 6.40 -8.00 -1.61
CA LEU A 163 5.51 -7.35 -0.64
C LEU A 163 4.78 -6.17 -1.28
N LYS A 164 3.45 -6.17 -1.24
CA LYS A 164 2.67 -5.06 -1.78
C LYS A 164 3.12 -3.73 -1.17
N GLU A 165 3.02 -2.66 -1.95
CA GLU A 165 3.09 -1.31 -1.40
C GLU A 165 1.97 -1.13 -0.38
N GLY A 166 2.34 -0.72 0.83
CA GLY A 166 1.40 -0.67 1.94
C GLY A 166 1.41 -1.94 2.78
N GLY A 167 2.14 -2.97 2.34
CA GLY A 167 2.27 -4.20 3.10
C GLY A 167 3.13 -4.02 4.33
N VAL A 168 3.11 -4.98 5.25
CA VAL A 168 3.94 -4.85 6.44
C VAL A 168 4.82 -6.05 6.78
N VAL A 169 6.03 -5.72 7.23
CA VAL A 169 6.95 -6.68 7.80
C VAL A 169 6.79 -6.61 9.32
N TYR A 170 6.51 -7.77 9.93
CA TYR A 170 6.38 -7.87 11.38
C TYR A 170 7.58 -8.60 11.97
N THR A 171 8.12 -8.03 13.03
CA THR A 171 9.39 -8.47 13.56
C THR A 171 9.29 -8.56 15.08
N ILE A 172 9.71 -9.70 15.63
CA ILE A 172 9.81 -9.85 17.09
C ILE A 172 10.96 -10.81 17.47
N THR A 173 11.68 -10.47 18.53
CA THR A 173 12.78 -11.29 19.02
C THR A 173 13.07 -10.98 20.48
N ASP A 174 13.66 -11.94 21.19
CA ASP A 174 14.09 -11.70 22.56
C ASP A 174 15.55 -11.26 22.60
N VAL A 175 16.17 -11.24 21.42
CA VAL A 175 17.60 -10.96 21.33
C VAL A 175 17.87 -9.52 20.90
N LYS A 176 18.19 -8.68 21.88
CA LYS A 176 18.33 -7.25 21.65
C LYS A 176 19.24 -6.95 20.46
N ASP A 177 20.33 -7.70 20.34
CA ASP A 177 21.28 -7.51 19.26
C ASP A 177 20.70 -7.85 17.89
N LEU A 178 19.86 -8.89 17.85
CA LEU A 178 19.18 -9.26 16.62
C LEU A 178 18.12 -8.21 16.28
N HIS A 179 17.41 -7.75 17.31
CA HIS A 179 16.40 -6.71 17.15
C HIS A 179 17.01 -5.45 16.56
N GLU A 180 18.15 -5.03 17.09
CA GLU A 180 18.77 -3.79 16.66
C GLU A 180 19.39 -3.94 15.28
N TRP A 181 19.79 -5.15 14.94
CA TRP A 181 20.39 -5.41 13.64
C TRP A 181 19.30 -5.37 12.56
N MET A 182 18.19 -6.04 12.83
CA MET A 182 17.05 -5.99 11.91
C MET A 182 16.56 -4.55 11.71
N VAL A 183 16.36 -3.83 12.81
CA VAL A 183 15.91 -2.44 12.75
C VAL A 183 16.87 -1.58 11.92
N LYS A 184 18.17 -1.74 12.15
CA LYS A 184 19.17 -0.96 11.45
C LYS A 184 19.04 -1.08 9.94
N HIS A 185 18.91 -2.31 9.45
CA HIS A 185 18.88 -2.54 8.01
C HIS A 185 17.53 -2.25 7.37
N LEU A 186 16.45 -2.47 8.11
CA LEU A 186 15.13 -2.12 7.62
C LEU A 186 14.97 -0.60 7.43
N GLU A 187 15.47 0.18 8.38
CA GLU A 187 15.42 1.63 8.25
C GLU A 187 16.41 2.19 7.21
N GLU A 188 17.52 1.50 6.99
CA GLU A 188 18.45 1.92 5.94
C GLU A 188 17.85 1.73 4.54
N HIS A 189 17.13 0.63 4.34
CA HIS A 189 16.50 0.37 3.05
C HIS A 189 15.45 1.43 2.71
N PRO A 190 15.46 1.95 1.47
CA PRO A 190 14.59 3.09 1.13
C PRO A 190 13.11 2.72 0.94
N LEU A 191 12.80 1.43 0.94
CA LEU A 191 11.41 0.98 0.77
C LEU A 191 10.74 0.51 2.07
N PHE A 192 11.38 0.73 3.21
CA PHE A 192 10.78 0.33 4.47
C PHE A 192 10.75 1.49 5.45
N GLU A 193 9.61 1.65 6.13
CA GLU A 193 9.44 2.78 7.05
C GLU A 193 8.87 2.27 8.38
N ARG A 194 9.46 2.66 9.49
CA ARG A 194 9.03 2.04 10.74
C ARG A 194 7.68 2.55 11.19
N LEU A 195 6.84 1.64 11.65
CA LEU A 195 5.55 1.99 12.20
C LEU A 195 5.73 2.33 13.67
N SER A 196 4.84 3.17 14.18
CA SER A 196 4.99 3.73 15.50
C SER A 196 4.58 2.73 16.57
N LYS A 197 4.91 3.05 17.82
CA LYS A 197 4.44 2.27 18.96
C LYS A 197 2.91 2.24 19.00
N GLU A 198 2.29 3.39 18.72
CA GLU A 198 0.83 3.50 18.70
C GLU A 198 0.23 2.55 17.69
N TRP A 199 0.84 2.51 16.51
CA TRP A 199 0.40 1.59 15.47
C TRP A 199 0.49 0.15 16.00
N GLU A 200 1.65 -0.23 16.53
CA GLU A 200 1.83 -1.56 17.11
C GLU A 200 0.77 -1.87 18.16
N GLU A 201 0.52 -0.92 19.06
CA GLU A 201 -0.34 -1.17 20.20
C GLU A 201 -1.79 -1.42 19.78
N ASN A 202 -2.14 -0.96 18.60
CA ASN A 202 -3.51 -1.08 18.13
C ASN A 202 -3.67 -2.11 17.02
N ASP A 203 -2.61 -2.87 16.79
CA ASP A 203 -2.61 -3.85 15.73
C ASP A 203 -2.81 -5.27 16.24
N GLU A 204 -3.81 -5.94 15.67
CA GLU A 204 -4.17 -7.30 16.07
C GLU A 204 -3.08 -8.34 15.77
N CYS A 205 -2.29 -8.09 14.74
CA CYS A 205 -1.23 -9.02 14.34
C CYS A 205 -0.06 -8.98 15.33
N VAL A 206 0.28 -7.79 15.82
CA VAL A 206 1.29 -7.66 16.85
C VAL A 206 0.87 -8.45 18.10
N LYS A 207 -0.38 -8.28 18.51
CA LYS A 207 -0.91 -9.01 19.66
C LYS A 207 -0.73 -10.53 19.50
N ILE A 208 -1.31 -11.09 18.45
CA ILE A 208 -1.17 -12.50 18.12
C ILE A 208 0.30 -12.98 18.08
N MET A 209 1.12 -12.19 17.40
CA MET A 209 2.51 -12.50 17.16
C MET A 209 3.35 -12.62 18.45
N ARG A 210 2.92 -11.94 19.49
CA ARG A 210 3.71 -11.86 20.71
C ARG A 210 3.84 -13.19 21.46
N ASN A 211 2.85 -14.06 21.36
CA ASN A 211 2.85 -15.29 22.15
C ASN A 211 2.18 -16.46 21.43
N ALA A 212 2.06 -16.38 20.11
CA ALA A 212 1.46 -17.47 19.34
C ALA A 212 2.39 -18.66 19.19
N THR A 213 3.69 -18.45 19.35
CA THR A 213 4.67 -19.47 18.99
C THR A 213 5.36 -20.08 20.21
N GLU A 214 5.78 -21.33 20.06
CA GLU A 214 6.49 -22.03 21.11
C GLU A 214 7.64 -21.21 21.65
N GLU A 215 8.42 -20.62 20.77
CA GLU A 215 9.54 -19.79 21.18
C GLU A 215 9.13 -18.55 21.94
N GLY A 216 7.95 -18.02 21.61
CA GLY A 216 7.39 -16.88 22.31
C GLY A 216 6.84 -17.24 23.68
N LYS A 217 6.24 -18.42 23.79
CA LYS A 217 5.76 -18.89 25.07
C LYS A 217 6.95 -19.26 25.96
N LYS A 218 8.05 -19.67 25.32
CA LYS A 218 9.29 -19.95 26.02
C LYS A 218 9.79 -18.71 26.73
N VAL A 219 9.96 -17.63 25.96
CA VAL A 219 10.62 -16.43 26.47
C VAL A 219 9.94 -15.83 27.69
N GLU A 220 8.61 -15.78 27.70
CA GLU A 220 7.90 -15.24 28.84
C GLU A 220 8.15 -16.10 30.09
N ARG A 221 8.30 -17.41 29.89
CA ARG A 221 8.70 -18.31 30.97
C ARG A 221 10.06 -17.95 31.52
N LYS A 222 11.00 -17.62 30.63
CA LYS A 222 12.34 -17.25 31.02
C LYS A 222 12.40 -15.80 31.49
N LYS A 223 11.23 -15.17 31.61
CA LYS A 223 11.15 -13.78 32.04
C LYS A 223 11.80 -12.82 31.03
N GLY A 224 12.06 -13.31 29.82
CA GLY A 224 12.75 -12.54 28.82
C GLY A 224 11.95 -11.37 28.25
N ASP A 225 12.64 -10.52 27.50
CA ASP A 225 12.02 -9.35 26.89
C ASP A 225 11.66 -9.62 25.44
N LYS A 226 10.59 -8.97 24.97
CA LYS A 226 10.14 -9.15 23.60
C LYS A 226 10.25 -7.85 22.81
N PHE A 227 11.23 -7.81 21.92
CA PHE A 227 11.48 -6.63 21.12
C PHE A 227 10.70 -6.70 19.80
N VAL A 228 9.74 -5.79 19.64
CA VAL A 228 8.91 -5.75 18.45
C VAL A 228 9.34 -4.59 17.55
N ALA A 229 9.24 -4.78 16.23
CA ALA A 229 9.40 -3.68 15.29
C ALA A 229 8.71 -4.02 13.97
N CYS A 230 7.92 -3.06 13.45
CA CYS A 230 7.18 -3.30 12.22
C CYS A 230 7.46 -2.22 11.19
N PHE A 231 7.50 -2.62 9.92
CA PHE A 231 7.80 -1.70 8.84
C PHE A 231 6.76 -1.78 7.71
N THR A 232 6.40 -0.63 7.15
CA THR A 232 5.56 -0.60 5.95
C THR A 232 6.45 -0.61 4.72
N ARG A 233 6.00 -1.32 3.69
CA ARG A 233 6.68 -1.35 2.40
C ARG A 233 6.22 -0.11 1.64
N LEU A 234 7.08 0.89 1.57
CA LEU A 234 6.76 2.13 0.89
C LEU A 234 6.50 1.92 -0.60
N PRO A 235 5.68 2.79 -1.20
CA PRO A 235 5.50 2.75 -2.65
C PRO A 235 6.82 3.09 -3.32
N THR A 236 7.12 2.40 -4.42
CA THR A 236 8.28 2.72 -5.24
C THR A 236 7.96 3.96 -6.06
N PRO A 237 8.86 4.96 -6.05
CA PRO A 237 8.66 6.14 -6.89
C PRO A 237 8.40 5.72 -8.33
N ALA A 238 7.54 6.45 -9.02
CA ALA A 238 7.15 6.13 -10.39
C ALA A 238 8.28 6.43 -11.38
N ILE A 239 8.46 5.56 -12.37
CA ILE A 239 9.45 5.78 -13.41
C ILE A 239 8.77 6.12 -14.73
N LEU A 240 7.79 5.30 -15.08
CA LEU A 240 7.09 5.42 -16.36
C LEU A 240 7.92 4.78 -17.48
N ASN B 14 -7.05 3.52 20.10
CA ASN B 14 -7.47 4.88 20.32
C ASN B 14 -7.35 5.76 19.08
N PRO B 15 -6.09 6.08 18.68
CA PRO B 15 -5.86 7.07 17.63
C PRO B 15 -6.43 6.64 16.28
N PHE B 16 -6.69 5.34 16.12
CA PHE B 16 -7.14 4.83 14.84
C PHE B 16 -8.62 4.46 14.83
N SER B 17 -9.33 4.83 15.89
CA SER B 17 -10.76 4.53 16.01
C SER B 17 -11.57 5.00 14.81
N ASP B 18 -11.24 6.19 14.29
CA ASP B 18 -11.93 6.71 13.11
C ASP B 18 -11.74 5.85 11.87
N HIS B 19 -10.82 4.88 11.93
CA HIS B 19 -10.48 4.10 10.73
C HIS B 19 -10.73 2.61 10.90
N GLN B 20 -11.15 2.22 12.08
CA GLN B 20 -11.56 0.85 12.35
C GLN B 20 -13.06 0.85 12.62
N LEU B 21 -13.83 0.59 11.56
CA LEU B 21 -15.23 1.00 11.50
C LEU B 21 -16.22 -0.15 11.39
N GLU B 22 -17.23 -0.13 12.26
CA GLU B 22 -18.32 -1.09 12.20
C GLU B 22 -19.16 -0.87 10.97
N TYR B 23 -19.35 0.39 10.60
CA TYR B 23 -20.25 0.72 9.51
C TYR B 23 -19.59 1.64 8.49
N PRO B 24 -18.55 1.14 7.83
CA PRO B 24 -17.88 1.91 6.76
C PRO B 24 -18.89 2.23 5.67
N VAL B 25 -18.80 3.42 5.09
CA VAL B 25 -19.78 3.85 4.09
C VAL B 25 -19.44 3.38 2.68
N SER B 26 -20.42 3.46 1.77
CA SER B 26 -20.22 3.16 0.36
C SER B 26 -20.53 4.40 -0.46
N PRO B 27 -19.98 4.50 -1.67
CA PRO B 27 -20.18 5.70 -2.50
C PRO B 27 -21.63 5.79 -2.99
N GLN B 28 -22.05 6.97 -3.38
CA GLN B 28 -23.36 7.12 -3.99
C GLN B 28 -23.30 6.65 -5.45
N ASP B 29 -24.49 6.39 -6.02
CA ASP B 29 -24.62 5.95 -7.40
C ASP B 29 -23.93 6.92 -8.38
N MET B 30 -23.11 6.37 -9.27
CA MET B 30 -22.35 7.19 -10.21
C MET B 30 -22.25 6.50 -11.57
N ASP B 31 -22.63 7.22 -12.62
CA ASP B 31 -22.50 6.68 -13.97
C ASP B 31 -21.15 7.04 -14.56
N TRP B 32 -20.11 6.31 -14.15
CA TRP B 32 -18.76 6.61 -14.62
C TRP B 32 -18.59 6.32 -16.13
N SER B 33 -19.55 5.59 -16.69
CA SER B 33 -19.48 5.24 -18.11
C SER B 33 -19.63 6.47 -19.00
N LYS B 34 -20.34 7.48 -18.52
CA LYS B 34 -20.49 8.71 -19.28
C LYS B 34 -19.21 9.54 -19.32
N LEU B 35 -18.35 9.35 -18.32
CA LEU B 35 -17.07 10.06 -18.29
C LEU B 35 -15.97 9.26 -19.00
N TYR B 36 -16.07 7.93 -18.96
CA TYR B 36 -15.06 7.09 -19.59
C TYR B 36 -15.69 6.01 -20.46
N PRO B 37 -16.49 6.43 -21.47
CA PRO B 37 -17.28 5.48 -22.27
C PRO B 37 -16.41 4.46 -22.97
N TYR B 38 -15.14 4.78 -23.15
CA TYR B 38 -14.20 3.90 -23.82
C TYR B 38 -13.89 2.64 -23.03
N TYR B 39 -14.36 2.59 -21.78
CA TYR B 39 -14.10 1.43 -20.93
C TYR B 39 -15.42 0.80 -20.55
N LYS B 40 -16.45 1.19 -21.28
CA LYS B 40 -17.74 0.52 -21.22
C LYS B 40 -17.66 -0.80 -21.97
N ASN B 41 -17.61 -1.90 -21.24
CA ASN B 41 -17.92 -3.18 -21.83
C ASN B 41 -19.44 -3.29 -21.85
N GLN B 46 -20.96 -3.04 -18.75
CA GLN B 46 -20.19 -2.90 -17.52
C GLN B 46 -19.00 -1.95 -17.66
N MET B 47 -18.42 -1.57 -16.52
CA MET B 47 -17.24 -0.72 -16.50
C MET B 47 -15.98 -1.56 -16.32
N THR B 48 -14.97 -1.27 -17.12
CA THR B 48 -13.76 -2.09 -17.20
C THR B 48 -12.67 -1.67 -16.21
N LYS B 49 -12.68 -0.39 -15.82
CA LYS B 49 -11.73 0.12 -14.86
C LYS B 49 -12.44 1.03 -13.85
N LYS B 50 -11.70 1.45 -12.83
CA LYS B 50 -12.20 2.40 -11.86
C LYS B 50 -11.26 3.60 -11.88
N VAL B 51 -11.71 4.73 -11.35
CA VAL B 51 -10.83 5.88 -11.21
C VAL B 51 -9.80 5.60 -10.12
N THR B 52 -8.53 5.76 -10.46
CA THR B 52 -7.46 5.48 -9.51
C THR B 52 -6.58 6.69 -9.21
N ILE B 53 -6.68 7.71 -10.05
CA ILE B 53 -5.88 8.91 -9.87
C ILE B 53 -6.81 10.13 -9.81
N ALA B 54 -6.68 10.92 -8.75
CA ALA B 54 -7.57 12.07 -8.57
C ALA B 54 -6.77 13.36 -8.47
N ASP B 55 -7.16 14.34 -9.29
CA ASP B 55 -6.57 15.67 -9.25
C ASP B 55 -7.57 16.60 -8.57
N ILE B 56 -7.30 16.94 -7.32
CA ILE B 56 -8.24 17.67 -6.49
C ILE B 56 -8.03 19.17 -6.69
N GLY B 57 -9.08 19.85 -7.17
CA GLY B 57 -8.99 21.25 -7.54
C GLY B 57 -8.15 21.42 -8.78
N CYS B 58 -8.51 20.72 -9.85
CA CYS B 58 -7.66 20.58 -11.03
C CYS B 58 -7.53 21.85 -11.91
N GLY B 59 -8.37 22.85 -11.66
CA GLY B 59 -8.36 24.04 -12.49
C GLY B 59 -8.57 23.66 -13.96
N PHE B 60 -7.70 24.13 -14.84
CA PHE B 60 -7.91 23.93 -16.29
C PHE B 60 -7.46 22.59 -16.85
N GLY B 61 -6.96 21.70 -15.99
CA GLY B 61 -6.75 20.31 -16.38
C GLY B 61 -5.35 19.94 -16.80
N GLY B 62 -4.44 20.90 -16.78
CA GLY B 62 -3.08 20.70 -17.24
C GLY B 62 -2.43 19.43 -16.71
N LEU B 63 -2.55 19.19 -15.41
CA LEU B 63 -1.93 18.04 -14.78
C LEU B 63 -2.47 16.74 -15.36
N MET B 64 -3.78 16.62 -15.43
CA MET B 64 -4.43 15.48 -16.06
C MET B 64 -3.91 15.22 -17.47
N ILE B 65 -3.78 16.28 -18.27
CA ILE B 65 -3.35 16.17 -19.65
C ILE B 65 -2.01 15.47 -19.71
N ASP B 66 -1.11 15.88 -18.83
CA ASP B 66 0.25 15.36 -18.81
C ASP B 66 0.31 13.95 -18.22
N LEU B 67 -0.49 13.70 -17.19
CA LEU B 67 -0.51 12.39 -16.56
C LEU B 67 -1.11 11.36 -17.52
N SER B 68 -2.02 11.81 -18.37
CA SER B 68 -2.77 10.90 -19.23
C SER B 68 -1.88 9.86 -19.96
N PRO B 69 -0.87 10.33 -20.71
CA PRO B 69 0.03 9.40 -21.41
C PRO B 69 0.99 8.68 -20.46
N ALA B 70 1.40 9.35 -19.39
CA ALA B 70 2.30 8.74 -18.42
C ALA B 70 1.68 7.51 -17.75
N PHE B 71 0.37 7.53 -17.57
CA PHE B 71 -0.34 6.44 -16.91
C PHE B 71 -1.50 5.95 -17.74
N PRO B 72 -1.19 5.33 -18.88
CA PRO B 72 -2.18 4.99 -19.91
C PRO B 72 -3.16 3.91 -19.44
N GLU B 73 -2.79 3.18 -18.39
CA GLU B 73 -3.65 2.15 -17.83
C GLU B 73 -4.54 2.63 -16.66
N ASP B 74 -4.30 3.85 -16.20
CA ASP B 74 -5.04 4.40 -15.07
C ASP B 74 -6.09 5.40 -15.53
N LEU B 75 -7.27 5.30 -14.94
CA LEU B 75 -8.29 6.31 -15.13
C LEU B 75 -7.99 7.46 -14.17
N ILE B 76 -8.04 8.68 -14.71
CA ILE B 76 -7.65 9.90 -14.00
C ILE B 76 -8.83 10.88 -13.97
N LEU B 77 -9.15 11.39 -12.78
CA LEU B 77 -10.27 12.29 -12.63
C LEU B 77 -9.86 13.61 -11.96
N GLY B 78 -10.11 14.71 -12.66
CA GLY B 78 -9.95 16.04 -12.08
C GLY B 78 -11.26 16.46 -11.45
N MET B 79 -11.21 17.03 -10.25
CA MET B 79 -12.39 17.56 -9.59
C MET B 79 -12.18 19.04 -9.38
N GLU B 80 -13.20 19.82 -9.76
CA GLU B 80 -13.11 21.27 -9.85
C GLU B 80 -14.43 21.84 -9.34
N ILE B 81 -14.36 22.80 -8.42
CA ILE B 81 -15.57 23.35 -7.82
C ILE B 81 -16.28 24.40 -8.67
N ARG B 82 -15.54 25.07 -9.56
CA ARG B 82 -16.13 26.10 -10.41
C ARG B 82 -16.70 25.51 -11.69
N VAL B 83 -17.99 25.69 -11.91
CA VAL B 83 -18.63 25.10 -13.09
C VAL B 83 -18.13 25.69 -14.41
N GLN B 84 -17.73 26.96 -14.41
CA GLN B 84 -17.24 27.60 -15.63
C GLN B 84 -15.99 26.84 -16.08
N VAL B 85 -15.07 26.65 -15.14
CA VAL B 85 -13.83 25.98 -15.43
C VAL B 85 -14.05 24.53 -15.85
N THR B 86 -14.95 23.80 -15.19
CA THR B 86 -15.18 22.40 -15.54
C THR B 86 -15.88 22.23 -16.89
N ASN B 87 -16.79 23.16 -17.21
CA ASN B 87 -17.41 23.18 -18.54
C ASN B 87 -16.38 23.41 -19.62
N TYR B 88 -15.42 24.27 -19.33
CA TYR B 88 -14.34 24.51 -20.27
C TYR B 88 -13.47 23.26 -20.41
N VAL B 89 -13.05 22.70 -19.28
CA VAL B 89 -12.16 21.54 -19.31
C VAL B 89 -12.80 20.36 -20.05
N GLU B 90 -14.11 20.21 -19.95
CA GLU B 90 -14.80 19.15 -20.68
C GLU B 90 -14.66 19.32 -22.19
N ASP B 91 -14.74 20.55 -22.67
CA ASP B 91 -14.63 20.81 -24.10
C ASP B 91 -13.21 20.57 -24.53
N ARG B 92 -12.29 20.85 -23.63
CA ARG B 92 -10.87 20.69 -23.89
C ARG B 92 -10.51 19.22 -24.10
N ILE B 93 -10.92 18.33 -23.18
CA ILE B 93 -10.56 16.91 -23.35
C ILE B 93 -11.33 16.25 -24.48
N ILE B 94 -12.49 16.78 -24.83
CA ILE B 94 -13.21 16.27 -25.99
C ILE B 94 -12.42 16.63 -27.24
N ALA B 95 -11.80 17.81 -27.23
CA ALA B 95 -10.95 18.21 -28.34
C ALA B 95 -9.74 17.28 -28.45
N LEU B 96 -9.12 17.01 -27.29
CA LEU B 96 -7.93 16.16 -27.22
C LEU B 96 -8.21 14.76 -27.72
N ARG B 97 -9.35 14.21 -27.33
CA ARG B 97 -9.76 12.91 -27.81
C ARG B 97 -9.93 12.94 -29.34
N ASN B 98 -10.74 13.87 -29.83
CA ASN B 98 -10.98 14.00 -31.26
C ASN B 98 -9.74 14.16 -32.12
N ASN B 99 -8.85 15.07 -31.71
CA ASN B 99 -7.64 15.33 -32.48
C ASN B 99 -6.63 14.19 -32.33
N THR B 100 -7.09 13.06 -31.82
CA THR B 100 -6.19 11.98 -31.44
C THR B 100 -6.67 10.58 -31.82
N SER B 102 -4.47 8.33 -31.63
CA SER B 102 -4.82 6.92 -31.68
C SER B 102 -6.25 6.78 -31.20
N LYS B 103 -6.64 5.56 -30.85
CA LYS B 103 -8.01 5.31 -30.42
C LYS B 103 -8.17 5.34 -28.89
N HIS B 104 -7.06 5.51 -28.19
CA HIS B 104 -7.08 5.51 -26.72
C HIS B 104 -6.66 6.86 -26.16
N GLY B 105 -6.22 7.76 -27.03
CA GLY B 105 -5.76 9.08 -26.61
C GLY B 105 -6.75 9.82 -25.73
N PHE B 106 -6.28 10.24 -24.55
CA PHE B 106 -7.02 11.07 -23.60
C PHE B 106 -8.41 10.54 -23.30
N GLN B 107 -8.54 9.23 -23.45
CA GLN B 107 -9.79 8.53 -23.23
C GLN B 107 -9.84 8.16 -21.75
N ASN B 108 -8.71 8.35 -21.09
CA ASN B 108 -8.54 7.95 -19.69
C ASN B 108 -8.48 9.16 -18.75
N ILE B 109 -8.91 10.32 -19.24
CA ILE B 109 -9.04 11.48 -18.37
C ILE B 109 -10.42 12.09 -18.53
N ASN B 110 -10.94 12.64 -17.44
CA ASN B 110 -12.10 13.50 -17.54
C ASN B 110 -12.20 14.35 -16.28
N VAL B 111 -13.17 15.25 -16.26
CA VAL B 111 -13.30 16.20 -15.16
C VAL B 111 -14.68 16.08 -14.53
N LEU B 112 -14.80 16.50 -13.28
CA LEU B 112 -16.05 16.41 -12.56
C LEU B 112 -16.24 17.66 -11.69
N ARG B 113 -17.43 18.25 -11.75
CA ARG B 113 -17.72 19.41 -10.95
C ARG B 113 -18.06 18.94 -9.54
N GLY B 114 -17.22 19.27 -8.58
CA GLY B 114 -17.45 18.85 -7.22
C GLY B 114 -16.56 19.52 -6.21
N ASN B 115 -17.02 19.52 -4.96
CA ASN B 115 -16.28 20.09 -3.84
C ASN B 115 -15.63 18.95 -3.08
N ALA B 116 -14.31 18.88 -3.13
CA ALA B 116 -13.58 17.77 -2.55
C ALA B 116 -13.70 17.73 -1.02
N MET B 117 -14.12 18.85 -0.43
CA MET B 117 -14.27 18.92 1.01
C MET B 117 -15.64 18.45 1.47
N LYS B 118 -16.51 18.14 0.51
CA LYS B 118 -17.85 17.62 0.81
C LYS B 118 -17.88 16.09 0.79
N PHE B 119 -17.06 15.47 1.63
CA PHE B 119 -17.16 14.03 1.87
C PHE B 119 -16.81 13.19 0.64
N LEU B 120 -15.52 13.04 0.38
CA LEU B 120 -15.06 12.24 -0.77
C LEU B 120 -15.57 10.81 -0.81
N PRO B 121 -15.87 10.19 0.36
CA PRO B 121 -16.41 8.84 0.28
C PRO B 121 -17.76 8.72 -0.43
N ASN B 122 -18.42 9.83 -0.71
CA ASN B 122 -19.60 9.81 -1.58
C ASN B 122 -19.20 9.45 -3.00
N PHE B 123 -17.96 9.77 -3.35
CA PHE B 123 -17.48 9.62 -4.72
C PHE B 123 -16.75 8.31 -4.98
N PHE B 124 -15.87 7.91 -4.05
CA PHE B 124 -15.02 6.76 -4.27
C PHE B 124 -15.17 5.67 -3.19
N GLU B 125 -15.07 4.42 -3.61
CA GLU B 125 -15.01 3.30 -2.69
C GLU B 125 -13.77 3.39 -1.80
N LYS B 126 -13.82 2.68 -0.67
CA LYS B 126 -12.68 2.58 0.22
C LYS B 126 -11.47 2.04 -0.53
N GLY B 127 -10.32 2.68 -0.35
CA GLY B 127 -9.07 2.22 -0.97
C GLY B 127 -9.03 2.24 -2.48
N GLN B 128 -9.97 2.95 -3.10
CA GLN B 128 -10.07 2.94 -4.55
C GLN B 128 -8.87 3.60 -5.23
N LEU B 129 -8.39 4.70 -4.64
CA LEU B 129 -7.38 5.55 -5.27
C LEU B 129 -5.94 5.17 -4.90
N SER B 130 -5.04 5.32 -5.86
CA SER B 130 -3.62 5.10 -5.62
C SER B 130 -2.88 6.43 -5.49
N LYS B 131 -3.47 7.49 -6.05
CA LYS B 131 -2.85 8.81 -6.02
C LYS B 131 -3.88 9.92 -5.80
N MET B 132 -3.49 10.93 -5.04
CA MET B 132 -4.28 12.14 -4.89
C MET B 132 -3.37 13.35 -5.03
N PHE B 133 -3.70 14.23 -5.97
CA PHE B 133 -2.89 15.43 -6.22
C PHE B 133 -3.57 16.71 -5.74
N PHE B 134 -2.80 17.53 -5.03
CA PHE B 134 -3.25 18.85 -4.61
C PHE B 134 -2.23 19.83 -5.15
N CYS B 135 -2.42 20.23 -6.40
CA CYS B 135 -1.47 21.05 -7.10
C CYS B 135 -1.85 22.52 -7.05
N PHE B 136 -1.08 23.29 -6.29
CA PHE B 136 -1.34 24.72 -6.09
C PHE B 136 -2.76 24.98 -5.60
N PRO B 137 -3.10 24.47 -4.40
CA PRO B 137 -4.42 24.73 -3.81
C PRO B 137 -4.50 26.18 -3.36
N ASP B 138 -5.71 26.74 -3.33
CA ASP B 138 -5.85 28.13 -2.87
C ASP B 138 -5.64 28.29 -1.37
N PRO B 139 -4.74 29.21 -1.01
CA PRO B 139 -4.36 29.46 0.39
C PRO B 139 -5.18 30.59 1.00
N HIS B 146 -14.25 28.37 5.45
CA HIS B 146 -14.78 27.01 5.42
C HIS B 146 -16.29 26.98 5.33
N LYS B 147 -16.80 27.22 4.13
CA LYS B 147 -18.23 27.32 3.89
C LYS B 147 -18.96 26.02 4.26
N ALA B 148 -18.70 24.96 3.48
CA ALA B 148 -19.42 23.70 3.66
C ALA B 148 -19.07 23.02 4.97
N ARG B 149 -17.78 23.05 5.31
CA ARG B 149 -17.32 22.47 6.57
C ARG B 149 -15.92 22.98 6.91
N ILE B 150 -15.60 22.95 8.19
CA ILE B 150 -14.28 23.34 8.66
C ILE B 150 -13.27 22.30 8.22
N ILE B 151 -12.06 22.75 7.91
CA ILE B 151 -10.98 21.84 7.57
C ILE B 151 -10.38 21.27 8.85
N THR B 152 -10.23 19.94 8.89
CA THR B 152 -9.80 19.23 10.09
C THR B 152 -9.11 17.92 9.74
N ASN B 153 -8.55 17.24 10.74
CA ASN B 153 -8.04 15.90 10.55
C ASN B 153 -9.09 14.99 9.94
N THR B 154 -10.36 15.28 10.24
CA THR B 154 -11.48 14.52 9.70
C THR B 154 -11.45 14.53 8.17
N LEU B 155 -11.05 15.67 7.60
CA LEU B 155 -10.98 15.79 6.14
C LEU B 155 -9.89 14.84 5.65
N LEU B 156 -8.75 14.85 6.34
CA LEU B 156 -7.65 14.00 5.96
C LEU B 156 -8.01 12.53 6.14
N SER B 157 -8.88 12.26 7.11
CA SER B 157 -9.38 10.91 7.33
C SER B 157 -10.28 10.47 6.19
N GLU B 158 -11.03 11.40 5.62
CA GLU B 158 -11.85 11.07 4.47
C GLU B 158 -10.95 10.80 3.26
N TYR B 159 -9.84 11.54 3.17
CA TYR B 159 -8.86 11.28 2.11
C TYR B 159 -8.25 9.90 2.29
N ALA B 160 -7.87 9.57 3.54
CA ALA B 160 -7.25 8.28 3.83
C ALA B 160 -8.21 7.16 3.50
N TYR B 161 -9.50 7.39 3.72
CA TYR B 161 -10.52 6.37 3.47
C TYR B 161 -10.56 5.98 2.00
N VAL B 162 -10.50 6.96 1.11
CA VAL B 162 -10.61 6.66 -0.32
C VAL B 162 -9.25 6.28 -0.94
N LEU B 163 -8.18 6.44 -0.17
CA LEU B 163 -6.82 6.19 -0.65
C LEU B 163 -6.32 4.80 -0.21
N LYS B 164 -5.87 4.00 -1.16
CA LYS B 164 -5.32 2.68 -0.83
C LYS B 164 -4.18 2.80 0.16
N GLU B 165 -4.02 1.78 0.99
CA GLU B 165 -2.80 1.62 1.77
C GLU B 165 -1.61 1.50 0.80
N GLY B 166 -0.61 2.33 1.01
CA GLY B 166 0.49 2.44 0.07
C GLY B 166 0.27 3.51 -1.01
N GLY B 167 -0.91 4.14 -1.00
CA GLY B 167 -1.21 5.22 -1.92
C GLY B 167 -0.47 6.49 -1.56
N VAL B 168 -0.41 7.45 -2.48
CA VAL B 168 0.26 8.70 -2.14
C VAL B 168 -0.52 9.99 -2.39
N VAL B 169 -0.34 10.92 -1.46
CA VAL B 169 -0.83 12.27 -1.58
C VAL B 169 0.33 13.12 -2.08
N TYR B 170 0.10 13.82 -3.21
CA TYR B 170 1.11 14.72 -3.78
C TYR B 170 0.71 16.18 -3.57
N THR B 171 1.67 16.95 -3.10
CA THR B 171 1.40 18.30 -2.65
C THR B 171 2.44 19.26 -3.22
N ILE B 172 1.99 20.36 -3.81
CA ILE B 172 2.88 21.42 -4.27
C ILE B 172 2.21 22.79 -4.18
N THR B 173 2.96 23.79 -3.75
CA THR B 173 2.45 25.15 -3.66
C THR B 173 3.61 26.15 -3.67
N ASP B 174 3.32 27.39 -4.08
CA ASP B 174 4.33 28.44 -4.00
C ASP B 174 4.20 29.21 -2.69
N VAL B 175 3.19 28.86 -1.90
CA VAL B 175 2.87 29.60 -0.69
C VAL B 175 3.41 28.88 0.54
N LYS B 176 4.54 29.36 1.02
CA LYS B 176 5.24 28.73 2.12
C LYS B 176 4.32 28.43 3.30
N ASP B 177 3.42 29.36 3.60
CA ASP B 177 2.49 29.20 4.72
C ASP B 177 1.49 28.07 4.48
N LEU B 178 1.03 27.95 3.25
CA LEU B 178 0.12 26.87 2.88
C LEU B 178 0.89 25.55 2.91
N HIS B 179 2.10 25.56 2.38
CA HIS B 179 2.96 24.38 2.41
C HIS B 179 3.16 23.86 3.83
N GLU B 180 3.47 24.76 4.75
CA GLU B 180 3.76 24.36 6.13
C GLU B 180 2.50 23.93 6.86
N TRP B 181 1.36 24.48 6.46
CA TRP B 181 0.10 24.13 7.07
C TRP B 181 -0.32 22.73 6.64
N MET B 182 -0.21 22.46 5.34
CA MET B 182 -0.49 21.12 4.83
C MET B 182 0.43 20.10 5.48
N VAL B 183 1.73 20.37 5.50
CA VAL B 183 2.70 19.45 6.09
C VAL B 183 2.36 19.17 7.55
N LYS B 184 2.05 20.22 8.30
CA LYS B 184 1.74 20.09 9.72
C LYS B 184 0.62 19.08 9.98
N HIS B 185 -0.46 19.20 9.23
CA HIS B 185 -1.62 18.34 9.47
C HIS B 185 -1.49 16.94 8.89
N LEU B 186 -0.78 16.82 7.76
CA LEU B 186 -0.51 15.51 7.19
C LEU B 186 0.35 14.66 8.12
N GLU B 187 1.38 15.26 8.73
CA GLU B 187 2.23 14.53 9.67
C GLU B 187 1.56 14.29 11.03
N GLU B 188 0.61 15.13 11.40
CA GLU B 188 -0.15 14.88 12.62
C GLU B 188 -1.08 13.68 12.48
N HIS B 189 -1.70 13.53 11.31
CA HIS B 189 -2.59 12.40 11.06
C HIS B 189 -1.83 11.07 11.12
N PRO B 190 -2.38 10.07 11.82
CA PRO B 190 -1.64 8.81 12.03
C PRO B 190 -1.55 7.90 10.80
N LEU B 191 -2.30 8.20 9.75
CA LEU B 191 -2.28 7.40 8.53
C LEU B 191 -1.44 8.00 7.39
N PHE B 192 -0.73 9.09 7.65
CA PHE B 192 0.11 9.67 6.60
C PHE B 192 1.56 9.81 7.03
N GLU B 193 2.49 9.44 6.16
CA GLU B 193 3.91 9.43 6.50
C GLU B 193 4.69 10.14 5.41
N ARG B 194 5.55 11.10 5.76
CA ARG B 194 6.18 11.86 4.68
C ARG B 194 7.23 11.06 3.95
N LEU B 195 7.22 11.19 2.64
CA LEU B 195 8.23 10.59 1.81
C LEU B 195 9.43 11.51 1.73
N SER B 196 10.60 10.93 1.54
CA SER B 196 11.86 11.64 1.60
C SER B 196 12.10 12.46 0.34
N LYS B 197 13.06 13.38 0.43
CA LYS B 197 13.54 14.12 -0.73
C LYS B 197 14.01 13.18 -1.83
N GLU B 198 14.73 12.13 -1.45
CA GLU B 198 15.22 11.13 -2.40
C GLU B 198 14.09 10.49 -3.17
N TRP B 199 13.04 10.13 -2.43
CA TRP B 199 11.84 9.57 -3.04
C TRP B 199 11.27 10.56 -4.06
N GLU B 200 11.05 11.80 -3.63
CA GLU B 200 10.55 12.83 -4.54
C GLU B 200 11.44 12.96 -5.78
N GLU B 201 12.76 13.01 -5.58
CA GLU B 201 13.66 13.29 -6.68
C GLU B 201 13.64 12.20 -7.75
N ASN B 202 13.21 11.01 -7.36
CA ASN B 202 13.21 9.87 -8.27
C ASN B 202 11.81 9.49 -8.74
N ASP B 203 10.84 10.35 -8.42
CA ASP B 203 9.46 10.08 -8.75
C ASP B 203 8.98 10.87 -9.97
N GLU B 204 8.44 10.15 -10.94
CA GLU B 204 7.98 10.73 -12.19
C GLU B 204 6.77 11.66 -12.02
N CYS B 205 5.95 11.39 -11.00
CA CYS B 205 4.77 12.22 -10.74
C CYS B 205 5.15 13.59 -10.18
N VAL B 206 6.15 13.62 -9.30
CA VAL B 206 6.66 14.89 -8.79
C VAL B 206 7.16 15.74 -9.95
N LYS B 207 7.93 15.13 -10.84
CA LYS B 207 8.44 15.83 -12.02
C LYS B 207 7.32 16.48 -12.84
N ILE B 208 6.40 15.66 -13.33
CA ILE B 208 5.22 16.14 -14.04
C ILE B 208 4.44 17.24 -13.29
N MET B 209 4.23 17.00 -12.01
CA MET B 209 3.44 17.87 -11.16
C MET B 209 4.02 19.29 -11.02
N ARG B 210 5.32 19.41 -11.18
CA ARG B 210 6.00 20.68 -10.91
C ARG B 210 5.64 21.80 -11.87
N ASN B 211 5.31 21.46 -13.12
CA ASN B 211 5.09 22.48 -14.14
C ASN B 211 4.04 22.08 -15.17
N ALA B 212 3.19 21.12 -14.84
CA ALA B 212 2.12 20.68 -15.74
C ALA B 212 0.96 21.68 -15.81
N THR B 213 0.83 22.53 -14.80
CA THR B 213 -0.36 23.35 -14.67
C THR B 213 -0.08 24.82 -14.93
N GLU B 214 -1.11 25.52 -15.41
CA GLU B 214 -1.01 26.95 -15.66
C GLU B 214 -0.44 27.69 -14.48
N GLU B 215 -0.92 27.37 -13.28
CA GLU B 215 -0.44 28.02 -12.07
C GLU B 215 1.02 27.72 -11.79
N GLY B 216 1.46 26.53 -12.18
CA GLY B 216 2.85 26.13 -12.02
C GLY B 216 3.76 26.80 -13.04
N LYS B 217 3.26 26.98 -14.25
CA LYS B 217 4.02 27.72 -15.26
C LYS B 217 4.05 29.20 -14.92
N LYS B 218 3.00 29.67 -14.24
CA LYS B 218 2.95 31.03 -13.73
C LYS B 218 4.10 31.29 -12.77
N VAL B 219 4.19 30.46 -11.73
CA VAL B 219 5.11 30.70 -10.63
C VAL B 219 6.57 30.81 -11.07
N GLU B 220 7.01 29.95 -11.99
CA GLU B 220 8.38 30.01 -12.47
C GLU B 220 8.64 31.32 -13.20
N ARG B 221 7.62 31.84 -13.87
CA ARG B 221 7.69 33.16 -14.49
C ARG B 221 7.92 34.24 -13.44
N LYS B 222 7.21 34.12 -12.33
CA LYS B 222 7.32 35.09 -11.25
C LYS B 222 8.55 34.83 -10.40
N LYS B 223 9.39 33.90 -10.85
CA LYS B 223 10.61 33.53 -10.13
C LYS B 223 10.31 32.88 -8.76
N GLY B 224 9.06 32.47 -8.56
CA GLY B 224 8.63 31.95 -7.27
C GLY B 224 9.21 30.60 -6.91
N ASP B 225 9.01 30.21 -5.65
CA ASP B 225 9.51 28.94 -5.16
C ASP B 225 8.42 27.89 -5.19
N LYS B 226 8.80 26.63 -5.40
CA LYS B 226 7.85 25.53 -5.43
C LYS B 226 8.10 24.55 -4.29
N PHE B 227 7.20 24.59 -3.31
CA PHE B 227 7.31 23.73 -2.14
C PHE B 227 6.55 22.42 -2.36
N VAL B 228 7.30 21.32 -2.41
CA VAL B 228 6.74 20.00 -2.63
C VAL B 228 6.72 19.20 -1.33
N ALA B 229 5.70 18.38 -1.14
CA ALA B 229 5.66 17.41 -0.04
C ALA B 229 4.72 16.27 -0.39
N CYS B 230 5.19 15.03 -0.19
CA CYS B 230 4.38 13.86 -0.51
C CYS B 230 4.26 12.93 0.70
N PHE B 231 3.09 12.30 0.83
CA PHE B 231 2.82 11.40 1.95
C PHE B 231 2.26 10.06 1.49
N THR B 232 2.72 8.99 2.13
CA THR B 232 2.15 7.67 1.90
C THR B 232 1.00 7.44 2.87
N ARG B 233 -0.05 6.78 2.39
CA ARG B 233 -1.19 6.42 3.22
C ARG B 233 -0.82 5.10 3.90
N LEU B 234 -0.50 5.18 5.18
CA LEU B 234 -0.08 4.02 5.94
C LEU B 234 -1.20 2.99 6.05
N PRO B 235 -0.82 1.71 6.21
CA PRO B 235 -1.81 0.67 6.46
C PRO B 235 -2.46 0.94 7.82
N THR B 236 -3.77 0.71 7.89
CA THR B 236 -4.48 0.80 9.14
C THR B 236 -4.18 -0.45 9.96
N PRO B 237 -3.79 -0.29 11.24
CA PRO B 237 -3.61 -1.43 12.12
C PRO B 237 -4.82 -2.35 12.07
N ALA B 238 -4.59 -3.66 12.08
CA ALA B 238 -5.64 -4.66 12.01
C ALA B 238 -6.48 -4.70 13.29
N ILE B 239 -7.79 -4.85 13.14
CA ILE B 239 -8.68 -4.98 14.28
C ILE B 239 -9.20 -6.40 14.39
N LEU B 240 -9.70 -6.92 13.27
CA LEU B 240 -10.32 -8.24 13.22
C LEU B 240 -11.76 -8.17 13.72
N SAM C . 9.01 -18.69 14.21
CA SAM C . 9.04 -19.76 15.21
C SAM C . 8.70 -19.27 16.60
O SAM C . 8.58 -18.06 16.85
OXT SAM C . 8.53 -20.05 17.55
CB SAM C . 10.41 -20.45 15.21
CG SAM C . 11.58 -19.56 15.61
SD SAM C . 13.15 -20.44 15.36
CE SAM C . 14.35 -19.49 16.33
C5' SAM C . 13.53 -19.94 13.67
C4' SAM C . 13.00 -20.98 12.68
O4' SAM C . 13.24 -20.58 11.36
C3' SAM C . 13.67 -22.33 12.89
O3' SAM C . 12.69 -23.31 13.02
C2' SAM C . 14.46 -22.57 11.62
O2' SAM C . 14.30 -23.92 11.22
C1' SAM C . 13.83 -21.62 10.62
N9 SAM C . 14.80 -21.03 9.68
C8 SAM C . 16.09 -20.63 9.94
N7 SAM C . 16.61 -20.13 8.79
C5 SAM C . 15.68 -20.22 7.81
C6 SAM C . 15.69 -19.86 6.47
N6 SAM C . 16.79 -19.32 5.94
N1 SAM C . 14.56 -20.06 5.70
C2 SAM C . 13.43 -20.62 6.25
N3 SAM C . 13.43 -20.98 7.59
C4 SAM C . 14.54 -20.78 8.36
N SAM D . -4.57 22.88 -9.87
CA SAM D . -4.58 24.00 -10.82
C SAM D . -3.16 24.50 -11.14
O SAM D . -2.19 24.07 -10.52
OXT SAM D . -2.97 25.33 -12.01
CB SAM D . -5.42 25.15 -10.28
CG SAM D . -4.91 25.78 -8.97
SD SAM D . -6.12 26.98 -8.33
CE SAM D . -5.16 27.93 -7.12
C5' SAM D . -7.09 25.89 -7.25
C4' SAM D . -8.29 25.34 -8.01
O4' SAM D . -9.04 24.46 -7.21
C3' SAM D . -9.22 26.47 -8.44
O3' SAM D . -9.47 26.36 -9.82
C2' SAM D . -10.51 26.25 -7.67
O2' SAM D . -11.62 26.45 -8.52
C1' SAM D . -10.41 24.79 -7.24
N9 SAM D . -10.97 24.53 -5.90
C8 SAM D . -10.90 25.35 -4.79
N7 SAM D . -11.53 24.72 -3.78
C5 SAM D . -12.00 23.53 -4.21
C6 SAM D . -12.72 22.51 -3.61
N6 SAM D . -13.06 22.62 -2.32
N1 SAM D . -13.06 21.37 -4.33
C2 SAM D . -12.70 21.26 -5.65
N3 SAM D . -12.00 22.29 -6.25
C4 SAM D . -11.65 23.40 -5.56
#